data_1F5T
#
_entry.id   1F5T
#
_cell.length_a   116.178
_cell.length_b   116.178
_cell.length_c   142.919
_cell.angle_alpha   90.00
_cell.angle_beta   90.00
_cell.angle_gamma   90.00
#
_symmetry.space_group_name_H-M   'P 41'
#
loop_
_entity.id
_entity.type
_entity.pdbx_description
1 polymer '43MER DNA CONTAINING DXTR CONSENSUS BINDING SEQUENCE'
2 polymer '43MER DNA CONTAINING DXTR CONSENSUS BINDING SEQUENCE'
3 polymer 'DIPHTHERIA TOXIN REPRESSOR'
4 non-polymer 'NICKEL (II) ION'
5 water water
#
loop_
_entity_poly.entity_id
_entity_poly.type
_entity_poly.pdbx_seq_one_letter_code
_entity_poly.pdbx_strand_id
1 'polydeoxyribonucleotide'
;(DA)(DA)(DC)(DA)(DT)(DG)(DC)(DA)(DA)(DG)(DG)(DC)(DT)(DA)(DA)(DG)(DG)(DT)(DT)(DA)
(DG)(DC)(DC)(DT)(DA)(DA)(DC)(DC)(DT)(DT)(DA)(DG)(DC)(DC)(DT)(DT)(DG)(DC)(DA)(DT)
(DG)(DT)(DT)
;
E
2 'polydeoxyribonucleotide'
;(DT)(DT)(DA)(DA)(DC)(DA)(DT)(DG)(DC)(DA)(DA)(DG)(DG)(DC)(DT)(DA)(DA)(DG)(DG)(DT)
(DT)(DA)(DG)(DG)(DC)(DT)(DA)(DA)(DC)(DC)(DT)(DT)(DA)(DG)(DC)(DC)(DT)(DT)(DG)(DC)
(DA)(DT)(DG)
;
F
3 'polypeptide(L)'
;MKDLVDTTEMYLRTIYELEEEGVTPLRARIAERLEQSGPTVSQTVARMERDGLVVVASDRSLQMTPTGRTLATAVMRKHR
LAERLLTDIIGLDINKVHDEADRWEHVMSDEVERRLVKVLK
;
A,B,C,D
#
loop_
_chem_comp.id
_chem_comp.type
_chem_comp.name
_chem_comp.formula
DA DNA linking 2'-DEOXYADENOSINE-5'-MONOPHOSPHATE 'C10 H14 N5 O6 P'
DC DNA linking 2'-DEOXYCYTIDINE-5'-MONOPHOSPHATE 'C9 H14 N3 O7 P'
DG DNA linking 2'-DEOXYGUANOSINE-5'-MONOPHOSPHATE 'C10 H14 N5 O7 P'
DT DNA linking THYMIDINE-5'-MONOPHOSPHATE 'C10 H15 N2 O8 P'
NI non-polymer 'NICKEL (II) ION' 'Ni 2'
#
# COMPACT_ATOMS: atom_id res chain seq x y z
N LYS C 2 4.46 -1.98 -14.66
CA LYS C 2 3.50 -0.84 -14.61
C LYS C 2 2.22 -1.17 -15.42
N ASP C 3 1.05 -0.81 -14.88
CA ASP C 3 -0.21 -1.06 -15.59
C ASP C 3 -0.33 0.01 -16.66
N LEU C 4 0.12 1.21 -16.31
CA LEU C 4 0.06 2.36 -17.21
C LEU C 4 1.35 2.53 -18.03
N VAL C 5 2.32 1.62 -17.85
CA VAL C 5 3.61 1.70 -18.54
C VAL C 5 4.32 2.94 -18.00
N ASP C 6 3.77 4.13 -18.26
CA ASP C 6 4.35 5.35 -17.70
C ASP C 6 3.20 6.06 -17.00
N THR C 7 3.28 6.20 -15.68
CA THR C 7 2.18 6.84 -14.97
C THR C 7 1.96 8.30 -15.31
N THR C 8 3.02 9.11 -15.28
CA THR C 8 2.87 10.52 -15.58
C THR C 8 2.31 10.83 -16.98
N GLU C 9 2.79 10.13 -18.00
CA GLU C 9 2.29 10.40 -19.34
C GLU C 9 0.80 10.12 -19.43
N MET C 10 0.32 9.07 -18.76
CA MET C 10 -1.10 8.74 -18.80
C MET C 10 -1.93 9.69 -17.93
N TYR C 11 -1.36 10.25 -16.87
CA TYR C 11 -2.11 11.20 -16.06
C TYR C 11 -2.28 12.45 -16.89
N LEU C 12 -1.24 12.83 -17.62
CA LEU C 12 -1.30 14.01 -18.46
C LEU C 12 -2.33 13.79 -19.58
N ARG C 13 -2.23 12.67 -20.29
CA ARG C 13 -3.18 12.42 -21.36
C ARG C 13 -4.61 12.42 -20.84
N THR C 14 -4.84 11.89 -19.65
CA THR C 14 -6.19 11.88 -19.12
C THR C 14 -6.68 13.31 -18.95
N ILE C 15 -5.85 14.16 -18.37
CA ILE C 15 -6.23 15.56 -18.18
C ILE C 15 -6.55 16.18 -19.53
N TYR C 16 -5.60 16.12 -20.46
CA TYR C 16 -5.79 16.69 -21.78
C TYR C 16 -7.09 16.18 -22.42
N GLU C 17 -7.25 14.86 -22.54
CA GLU C 17 -8.47 14.31 -23.14
C GLU C 17 -9.69 14.81 -22.42
N LEU C 18 -9.62 14.84 -21.10
CA LEU C 18 -10.74 15.30 -20.31
C LEU C 18 -11.11 16.71 -20.82
N GLU C 19 -10.09 17.56 -20.99
CA GLU C 19 -10.31 18.92 -21.45
C GLU C 19 -10.98 18.94 -22.82
N GLU C 20 -10.55 18.07 -23.73
CA GLU C 20 -11.15 18.04 -25.06
C GLU C 20 -12.65 17.80 -24.96
N GLU C 21 -13.04 16.86 -24.10
CA GLU C 21 -14.44 16.52 -23.90
C GLU C 21 -15.17 17.66 -23.18
N GLY C 22 -14.40 18.65 -22.75
CA GLY C 22 -14.99 19.77 -22.06
C GLY C 22 -15.61 19.31 -20.77
N VAL C 23 -14.81 18.69 -19.93
CA VAL C 23 -15.25 18.20 -18.63
C VAL C 23 -14.17 18.67 -17.66
N THR C 24 -14.54 19.36 -16.60
CA THR C 24 -13.53 19.83 -15.66
C THR C 24 -12.60 18.72 -15.22
N PRO C 25 -11.29 18.93 -15.35
CA PRO C 25 -10.34 17.89 -14.95
C PRO C 25 -10.12 17.83 -13.43
N LEU C 26 -10.79 16.87 -12.79
CA LEU C 26 -10.69 16.67 -11.34
C LEU C 26 -10.07 15.32 -11.02
N ARG C 27 -9.25 15.26 -9.95
CA ARG C 27 -8.61 14.00 -9.59
C ARG C 27 -9.62 12.86 -9.60
N ALA C 28 -10.79 13.08 -9.00
CA ALA C 28 -11.81 12.04 -8.97
C ALA C 28 -12.10 11.52 -10.38
N ARG C 29 -11.81 12.33 -11.40
CA ARG C 29 -12.04 11.94 -12.78
C ARG C 29 -10.93 11.02 -13.25
N ILE C 30 -9.70 11.34 -12.88
CA ILE C 30 -8.56 10.51 -13.26
C ILE C 30 -8.80 9.17 -12.59
N ALA C 31 -9.23 9.26 -11.33
CA ALA C 31 -9.54 8.10 -10.51
C ALA C 31 -10.38 7.08 -11.28
N GLU C 32 -11.54 7.53 -11.77
CA GLU C 32 -12.46 6.67 -12.52
C GLU C 32 -11.79 6.07 -13.74
N ARG C 33 -11.20 6.93 -14.55
CA ARG C 33 -10.56 6.50 -15.78
C ARG C 33 -9.33 5.61 -15.67
N LEU C 34 -8.50 5.78 -14.66
CA LEU C 34 -7.32 4.92 -14.58
C LEU C 34 -7.49 3.89 -13.49
N GLU C 35 -8.71 3.80 -12.98
CA GLU C 35 -9.05 2.87 -11.92
C GLU C 35 -8.01 2.80 -10.82
N GLN C 36 -7.84 3.88 -10.08
CA GLN C 36 -6.88 3.92 -8.96
C GLN C 36 -7.60 4.53 -7.75
N SER C 37 -7.11 4.25 -6.55
CA SER C 37 -7.74 4.76 -5.32
C SER C 37 -7.61 6.27 -5.20
N GLY C 38 -8.66 6.91 -4.68
CA GLY C 38 -8.66 8.35 -4.50
C GLY C 38 -7.36 8.87 -3.91
N PRO C 39 -6.83 8.17 -2.89
CA PRO C 39 -5.59 8.55 -2.23
C PRO C 39 -4.39 8.42 -3.16
N THR C 40 -4.36 7.37 -3.97
CA THR C 40 -3.25 7.16 -4.90
C THR C 40 -3.17 8.30 -5.89
N VAL C 41 -4.32 8.73 -6.41
CA VAL C 41 -4.31 9.80 -7.39
C VAL C 41 -3.77 11.11 -6.85
N SER C 42 -4.24 11.54 -5.68
CA SER C 42 -3.75 12.79 -5.09
C SER C 42 -2.25 12.73 -4.79
N GLN C 43 -1.81 11.58 -4.29
CA GLN C 43 -0.42 11.30 -3.95
C GLN C 43 0.44 11.48 -5.20
N THR C 44 -0.06 11.00 -6.33
CA THR C 44 0.65 11.11 -7.61
C THR C 44 0.56 12.53 -8.17
N VAL C 45 -0.64 13.10 -8.28
CA VAL C 45 -0.76 14.45 -8.80
C VAL C 45 0.21 15.32 -8.04
N ALA C 46 0.46 14.96 -6.79
CA ALA C 46 1.39 15.71 -5.96
C ALA C 46 2.76 15.65 -6.59
N ARG C 47 3.38 14.47 -6.60
CA ARG C 47 4.71 14.35 -7.20
C ARG C 47 4.70 15.16 -8.49
N MET C 48 3.60 15.09 -9.24
CA MET C 48 3.49 15.82 -10.50
C MET C 48 3.55 17.33 -10.35
N GLU C 49 2.81 17.87 -9.39
CA GLU C 49 2.80 19.30 -9.15
C GLU C 49 4.18 19.76 -8.68
N ARG C 50 4.89 18.85 -8.03
CA ARG C 50 6.23 19.08 -7.50
C ARG C 50 7.23 19.28 -8.63
N ASP C 51 7.08 18.50 -9.69
CA ASP C 51 7.95 18.59 -10.84
C ASP C 51 7.37 19.58 -11.84
N GLY C 52 6.41 20.37 -11.33
CA GLY C 52 5.77 21.40 -12.14
C GLY C 52 5.20 20.96 -13.46
N LEU C 53 4.21 20.10 -13.41
CA LEU C 53 3.57 19.63 -14.63
C LEU C 53 2.09 19.99 -14.54
N VAL C 54 1.64 20.29 -13.33
CA VAL C 54 0.25 20.62 -13.13
C VAL C 54 0.14 21.44 -11.84
N VAL C 55 -1.01 22.07 -11.67
CA VAL C 55 -1.27 22.88 -10.49
C VAL C 55 -2.71 22.62 -10.11
N VAL C 56 -2.95 22.33 -8.84
CA VAL C 56 -4.30 22.08 -8.39
C VAL C 56 -4.87 23.42 -7.98
N ALA C 57 -5.85 23.89 -8.74
CA ALA C 57 -6.50 25.17 -8.49
C ALA C 57 -7.12 25.26 -7.11
N SER C 58 -7.72 26.41 -6.82
CA SER C 58 -8.36 26.65 -5.54
C SER C 58 -9.70 25.94 -5.54
N ASP C 59 -10.24 25.69 -6.73
CA ASP C 59 -11.50 25.00 -6.85
C ASP C 59 -11.28 23.51 -7.15
N ARG C 60 -10.05 23.04 -6.89
CA ARG C 60 -9.69 21.65 -7.10
C ARG C 60 -9.48 21.15 -8.53
N SER C 61 -9.58 22.02 -9.52
CA SER C 61 -9.36 21.62 -10.92
C SER C 61 -7.87 21.50 -11.26
N LEU C 62 -7.54 20.60 -12.19
CA LEU C 62 -6.15 20.37 -12.58
C LEU C 62 -5.72 21.27 -13.74
N GLN C 63 -4.70 22.07 -13.51
CA GLN C 63 -4.21 22.98 -14.54
C GLN C 63 -2.80 22.61 -14.98
N MET C 64 -2.68 22.10 -16.21
CA MET C 64 -1.37 21.73 -16.74
C MET C 64 -0.52 22.96 -17.00
N THR C 65 0.76 22.88 -16.60
CA THR C 65 1.71 23.98 -16.81
C THR C 65 2.18 23.83 -18.25
N PRO C 66 2.89 24.85 -18.78
CA PRO C 66 3.38 24.78 -20.15
C PRO C 66 4.06 23.44 -20.42
N THR C 67 4.91 23.01 -19.51
CA THR C 67 5.61 21.73 -19.67
C THR C 67 4.58 20.61 -19.74
N GLY C 68 3.70 20.57 -18.75
CA GLY C 68 2.69 19.55 -18.73
C GLY C 68 1.93 19.45 -20.04
N ARG C 69 1.55 20.60 -20.59
CA ARG C 69 0.80 20.62 -21.85
C ARG C 69 1.65 20.14 -23.01
N THR C 70 2.94 20.48 -22.98
CA THR C 70 3.86 20.06 -24.03
C THR C 70 3.96 18.54 -24.10
N LEU C 71 4.07 17.90 -22.95
CA LEU C 71 4.18 16.45 -22.90
C LEU C 71 2.86 15.85 -23.33
N ALA C 72 1.79 16.34 -22.72
CA ALA C 72 0.46 15.85 -23.03
C ALA C 72 0.27 15.72 -24.54
N THR C 73 0.47 16.82 -25.28
CA THR C 73 0.31 16.82 -26.73
C THR C 73 1.20 15.77 -27.37
N ALA C 74 2.44 15.70 -26.89
CA ALA C 74 3.39 14.73 -27.38
C ALA C 74 2.79 13.34 -27.24
N VAL C 75 2.49 12.92 -26.01
CA VAL C 75 1.92 11.60 -25.79
C VAL C 75 0.73 11.38 -26.70
N MET C 76 -0.20 12.34 -26.63
CA MET C 76 -1.43 12.31 -27.41
C MET C 76 -1.14 12.05 -28.89
N ARG C 77 -0.12 12.74 -29.39
CA ARG C 77 0.28 12.64 -30.79
C ARG C 77 0.77 11.23 -31.15
N LYS C 78 1.62 10.67 -30.30
CA LYS C 78 2.13 9.34 -30.51
C LYS C 78 1.01 8.32 -30.44
N HIS C 79 0.03 8.58 -29.59
CA HIS C 79 -1.09 7.66 -29.44
C HIS C 79 -1.76 7.45 -30.77
N ARG C 80 -2.08 8.55 -31.45
CA ARG C 80 -2.74 8.50 -32.74
C ARG C 80 -1.85 7.86 -33.81
N LEU C 81 -0.62 8.34 -33.92
CA LEU C 81 0.31 7.78 -34.89
C LEU C 81 0.47 6.28 -34.65
N ALA C 82 0.36 5.89 -33.39
CA ALA C 82 0.46 4.49 -33.00
C ALA C 82 -0.82 3.75 -33.37
N GLU C 83 -1.97 4.31 -32.98
CA GLU C 83 -3.27 3.72 -33.28
C GLU C 83 -3.32 3.49 -34.79
N ARG C 84 -2.77 4.45 -35.52
CA ARG C 84 -2.72 4.41 -36.97
C ARG C 84 -1.87 3.22 -37.44
N LEU C 85 -0.56 3.32 -37.20
CA LEU C 85 0.42 2.29 -37.55
C LEU C 85 -0.17 0.89 -37.39
N LEU C 86 -0.92 0.67 -36.31
CA LEU C 86 -1.51 -0.63 -36.01
C LEU C 86 -2.67 -1.06 -36.91
N THR C 87 -3.44 -0.09 -37.38
CA THR C 87 -4.59 -0.37 -38.25
C THR C 87 -4.26 -0.34 -39.74
N ASP C 88 -3.58 0.72 -40.16
CA ASP C 88 -3.21 0.90 -41.56
C ASP C 88 -2.26 -0.13 -42.14
N ILE C 89 -1.01 -0.15 -41.70
CA ILE C 89 -0.04 -1.10 -42.26
C ILE C 89 -0.03 -2.49 -41.60
N ILE C 90 -0.20 -2.53 -40.28
CA ILE C 90 -0.19 -3.81 -39.58
C ILE C 90 -1.51 -4.57 -39.69
N GLY C 91 -2.62 -3.85 -39.57
CA GLY C 91 -3.92 -4.49 -39.67
C GLY C 91 -4.28 -5.39 -38.50
N LEU C 92 -4.58 -4.79 -37.36
CA LEU C 92 -4.94 -5.55 -36.16
C LEU C 92 -6.40 -5.28 -35.88
N ASP C 93 -7.10 -6.29 -35.33
CA ASP C 93 -8.52 -6.15 -35.00
C ASP C 93 -8.74 -4.74 -34.45
N ILE C 94 -9.61 -3.98 -35.11
CA ILE C 94 -9.86 -2.61 -34.68
C ILE C 94 -10.28 -2.51 -33.22
N ASN C 95 -10.95 -3.53 -32.71
CA ASN C 95 -11.41 -3.52 -31.32
C ASN C 95 -10.29 -3.61 -30.28
N LYS C 96 -9.09 -3.99 -30.71
CA LYS C 96 -7.97 -4.12 -29.79
C LYS C 96 -6.87 -3.10 -30.06
N VAL C 97 -7.17 -2.09 -30.88
CA VAL C 97 -6.18 -1.10 -31.25
C VAL C 97 -5.90 0.03 -30.26
N HIS C 98 -6.91 0.51 -29.55
CA HIS C 98 -6.63 1.59 -28.61
C HIS C 98 -5.72 1.07 -27.51
N ASP C 99 -6.13 -0.05 -26.92
CA ASP C 99 -5.38 -0.68 -25.84
C ASP C 99 -3.92 -0.89 -26.19
N GLU C 100 -3.65 -1.43 -27.37
CA GLU C 100 -2.27 -1.66 -27.79
C GLU C 100 -1.54 -0.32 -27.86
N ALA C 101 -2.17 0.63 -28.54
CA ALA C 101 -1.60 1.97 -28.70
C ALA C 101 -1.44 2.71 -27.37
N ASP C 102 -2.20 2.34 -26.35
CA ASP C 102 -2.09 3.00 -25.05
C ASP C 102 -0.79 2.57 -24.36
N ARG C 103 -0.16 1.54 -24.92
CA ARG C 103 1.10 1.00 -24.42
C ARG C 103 2.25 1.48 -25.27
N TRP C 104 2.04 1.56 -26.57
CA TRP C 104 3.06 2.00 -27.49
C TRP C 104 3.35 3.48 -27.35
N GLU C 105 2.35 4.23 -26.92
CA GLU C 105 2.47 5.67 -26.73
C GLU C 105 3.62 6.06 -25.80
N HIS C 106 3.92 5.18 -24.84
CA HIS C 106 4.95 5.45 -23.86
C HIS C 106 6.34 4.91 -24.21
N VAL C 107 6.49 4.29 -25.39
CA VAL C 107 7.79 3.74 -25.76
C VAL C 107 8.25 4.18 -27.15
N MET C 108 7.44 4.99 -27.81
CA MET C 108 7.77 5.45 -29.16
C MET C 108 8.66 6.69 -29.06
N SER C 109 9.77 6.68 -29.80
CA SER C 109 10.69 7.81 -29.78
C SER C 109 10.28 8.90 -30.78
N ASP C 110 10.74 10.11 -30.54
CA ASP C 110 10.43 11.24 -31.43
C ASP C 110 10.82 10.93 -32.88
N GLU C 111 12.00 10.38 -33.09
CA GLU C 111 12.47 10.04 -34.44
C GLU C 111 11.46 9.14 -35.11
N VAL C 112 11.03 8.10 -34.39
CA VAL C 112 10.05 7.16 -34.90
C VAL C 112 8.68 7.83 -35.10
N GLU C 113 8.48 8.97 -34.45
CA GLU C 113 7.23 9.71 -34.57
C GLU C 113 7.26 10.44 -35.92
N ARG C 114 8.40 11.02 -36.27
CA ARG C 114 8.56 11.74 -37.53
C ARG C 114 8.53 10.77 -38.71
N ARG C 115 9.41 9.76 -38.68
CA ARG C 115 9.48 8.78 -39.76
C ARG C 115 8.12 8.14 -40.03
N LEU C 116 7.25 8.18 -39.04
CA LEU C 116 5.91 7.59 -39.15
C LEU C 116 4.90 8.53 -39.77
N VAL C 117 5.08 9.83 -39.57
CA VAL C 117 4.14 10.80 -40.15
C VAL C 117 4.30 10.77 -41.67
N LYS C 118 5.51 10.42 -42.10
CA LYS C 118 5.82 10.34 -43.52
C LYS C 118 5.29 9.04 -44.08
N VAL C 119 5.91 7.92 -43.69
CA VAL C 119 5.50 6.61 -44.18
C VAL C 119 3.99 6.43 -44.35
N LEU C 120 3.20 6.98 -43.45
CA LEU C 120 1.74 6.82 -43.53
C LEU C 120 1.00 7.80 -44.43
N LYS C 121 0.33 7.26 -45.45
CA LYS C 121 -0.47 8.04 -46.39
C LYS C 121 -1.54 7.12 -46.99
N LYS D 2 10.87 0.99 -15.83
CA LYS D 2 11.48 2.32 -16.09
C LYS D 2 12.52 2.26 -17.23
N ASP D 3 13.80 2.23 -16.88
CA ASP D 3 14.87 2.17 -17.88
C ASP D 3 14.63 0.93 -18.75
N LEU D 4 14.41 -0.20 -18.08
CA LEU D 4 14.17 -1.49 -18.73
C LEU D 4 12.71 -1.76 -19.11
N VAL D 5 11.82 -0.82 -18.81
CA VAL D 5 10.40 -0.97 -19.10
C VAL D 5 9.89 -2.15 -18.29
N ASP D 6 10.52 -3.30 -18.46
CA ASP D 6 10.20 -4.50 -17.68
C ASP D 6 11.50 -5.25 -17.34
N THR D 7 11.80 -5.38 -16.06
CA THR D 7 13.05 -6.04 -15.68
C THR D 7 13.08 -7.54 -15.95
N THR D 8 12.16 -8.27 -15.34
CA THR D 8 12.12 -9.72 -15.52
C THR D 8 12.35 -10.16 -16.95
N GLU D 9 11.82 -9.40 -17.91
CA GLU D 9 12.00 -9.76 -19.29
C GLU D 9 13.42 -9.49 -19.77
N MET D 10 13.94 -8.31 -19.48
CA MET D 10 15.31 -8.02 -19.91
C MET D 10 16.30 -8.94 -19.19
N TYR D 11 15.91 -9.46 -18.03
CA TYR D 11 16.80 -10.38 -17.31
C TYR D 11 16.74 -11.74 -17.98
N LEU D 12 15.52 -12.17 -18.30
CA LEU D 12 15.32 -13.44 -18.97
C LEU D 12 15.98 -13.43 -20.33
N ARG D 13 15.83 -12.34 -21.07
CA ARG D 13 16.44 -12.22 -22.38
C ARG D 13 17.94 -12.25 -22.27
N THR D 14 18.49 -11.50 -21.31
CA THR D 14 19.94 -11.45 -21.12
C THR D 14 20.50 -12.81 -20.81
N ILE D 15 19.78 -13.59 -20.03
CA ILE D 15 20.24 -14.94 -19.71
C ILE D 15 20.24 -15.74 -21.00
N TYR D 16 19.08 -15.80 -21.65
CA TYR D 16 18.96 -16.54 -22.90
C TYR D 16 20.05 -16.15 -23.89
N GLU D 17 20.31 -14.84 -24.03
CA GLU D 17 21.34 -14.39 -24.94
C GLU D 17 22.72 -14.91 -24.51
N LEU D 18 22.96 -15.02 -23.22
CA LEU D 18 24.24 -15.53 -22.76
C LEU D 18 24.41 -16.99 -23.20
N GLU D 19 23.40 -17.81 -22.91
CA GLU D 19 23.44 -19.23 -23.29
C GLU D 19 23.66 -19.36 -24.80
N GLU D 20 23.05 -18.46 -25.55
CA GLU D 20 23.17 -18.48 -26.99
C GLU D 20 24.62 -18.29 -27.44
N GLU D 21 25.36 -17.41 -26.78
CA GLU D 21 26.74 -17.18 -27.16
C GLU D 21 27.76 -18.06 -26.46
N GLY D 22 27.29 -19.02 -25.67
CA GLY D 22 28.19 -19.93 -24.99
C GLY D 22 28.62 -19.58 -23.58
N VAL D 23 28.73 -18.27 -23.30
CA VAL D 23 29.13 -17.77 -21.99
C VAL D 23 28.30 -18.34 -20.83
N THR D 24 28.94 -18.58 -19.69
CA THR D 24 28.22 -19.12 -18.55
C THR D 24 27.29 -18.03 -18.03
N PRO D 25 25.99 -18.31 -17.94
CA PRO D 25 25.04 -17.31 -17.44
C PRO D 25 25.28 -17.03 -15.95
N LEU D 26 26.04 -15.98 -15.68
CA LEU D 26 26.38 -15.61 -14.30
C LEU D 26 25.84 -14.23 -13.93
N ARG D 27 25.42 -14.08 -12.67
CA ARG D 27 24.86 -12.81 -12.23
C ARG D 27 25.77 -11.64 -12.50
N ALA D 28 27.07 -11.86 -12.39
CA ALA D 28 28.04 -10.81 -12.63
C ALA D 28 27.92 -10.29 -14.05
N ARG D 29 27.54 -11.18 -14.97
CA ARG D 29 27.36 -10.85 -16.39
C ARG D 29 26.17 -9.93 -16.54
N ILE D 30 25.00 -10.38 -16.07
CA ILE D 30 23.79 -9.60 -16.15
C ILE D 30 24.07 -8.19 -15.63
N ALA D 31 24.76 -8.11 -14.50
CA ALA D 31 25.10 -6.84 -13.89
C ALA D 31 25.77 -5.94 -14.91
N GLU D 32 26.84 -6.44 -15.52
CA GLU D 32 27.57 -5.64 -16.51
C GLU D 32 26.82 -5.40 -17.81
N ARG D 33 26.08 -6.41 -18.28
CA ARG D 33 25.32 -6.25 -19.52
C ARG D 33 24.22 -5.19 -19.37
N LEU D 34 23.52 -5.21 -18.24
CA LEU D 34 22.44 -4.27 -18.04
C LEU D 34 22.78 -3.00 -17.29
N GLU D 35 24.06 -2.73 -17.08
CA GLU D 35 24.43 -1.50 -16.40
C GLU D 35 23.95 -1.38 -14.97
N GLN D 36 23.61 -2.48 -14.31
CA GLN D 36 23.12 -2.38 -12.93
C GLN D 36 24.14 -2.84 -11.91
N SER D 37 23.92 -2.45 -10.66
CA SER D 37 24.82 -2.78 -9.55
C SER D 37 24.68 -4.24 -9.12
N GLY D 38 25.78 -4.79 -8.63
CA GLY D 38 25.82 -6.19 -8.22
C GLY D 38 24.75 -6.68 -7.25
N PRO D 39 24.50 -5.97 -6.15
CA PRO D 39 23.48 -6.46 -5.24
C PRO D 39 22.06 -6.32 -5.81
N THR D 40 21.85 -5.34 -6.69
CA THR D 40 20.52 -5.17 -7.29
C THR D 40 20.17 -6.45 -8.05
N VAL D 41 21.10 -6.89 -8.90
CA VAL D 41 20.90 -8.08 -9.71
C VAL D 41 20.58 -9.30 -8.86
N SER D 42 21.38 -9.55 -7.83
CA SER D 42 21.16 -10.70 -6.96
C SER D 42 19.76 -10.69 -6.38
N GLN D 43 19.33 -9.52 -5.92
CA GLN D 43 18.03 -9.34 -5.31
C GLN D 43 16.90 -9.68 -6.25
N THR D 44 16.99 -9.12 -7.46
CA THR D 44 15.99 -9.34 -8.49
C THR D 44 15.99 -10.79 -8.91
N VAL D 45 17.17 -11.36 -9.12
CA VAL D 45 17.23 -12.75 -9.52
C VAL D 45 16.53 -13.57 -8.43
N ALA D 46 16.79 -13.20 -7.17
CA ALA D 46 16.16 -13.91 -6.06
C ALA D 46 14.65 -13.83 -6.21
N ARG D 47 14.15 -12.61 -6.42
CA ARG D 47 12.73 -12.38 -6.59
C ARG D 47 12.21 -13.32 -7.67
N MET D 48 12.92 -13.36 -8.80
CA MET D 48 12.57 -14.21 -9.96
C MET D 48 12.60 -15.70 -9.61
N GLU D 49 13.57 -16.10 -8.79
CA GLU D 49 13.67 -17.50 -8.39
C GLU D 49 12.44 -17.85 -7.59
N ARG D 50 11.99 -16.89 -6.77
CA ARG D 50 10.80 -17.07 -5.97
C ARG D 50 9.62 -17.23 -6.90
N ASP D 51 9.60 -16.46 -7.97
CA ASP D 51 8.51 -16.52 -8.94
C ASP D 51 8.57 -17.71 -9.88
N GLY D 52 9.54 -18.59 -9.65
CA GLY D 52 9.68 -19.79 -10.46
C GLY D 52 10.09 -19.58 -11.91
N LEU D 53 10.93 -18.58 -12.15
CA LEU D 53 11.39 -18.31 -13.50
C LEU D 53 12.80 -18.84 -13.68
N VAL D 54 13.65 -18.62 -12.68
CA VAL D 54 15.03 -19.11 -12.74
C VAL D 54 15.40 -19.86 -11.49
N VAL D 55 16.62 -20.39 -11.51
CA VAL D 55 17.19 -21.14 -10.41
C VAL D 55 18.66 -20.85 -10.40
N VAL D 56 19.24 -20.75 -9.22
CA VAL D 56 20.66 -20.50 -9.15
C VAL D 56 21.25 -21.87 -8.88
N ALA D 57 22.29 -22.25 -9.60
CA ALA D 57 22.90 -23.56 -9.39
C ALA D 57 23.99 -23.53 -8.33
N SER D 58 24.53 -24.70 -8.02
CA SER D 58 25.58 -24.83 -7.03
C SER D 58 26.81 -24.09 -7.52
N ASP D 59 26.96 -24.00 -8.83
CA ASP D 59 28.08 -23.29 -9.40
C ASP D 59 27.72 -21.81 -9.59
N ARG D 60 26.59 -21.41 -9.02
CA ARG D 60 26.08 -20.03 -9.10
C ARG D 60 25.61 -19.59 -10.50
N SER D 61 25.32 -20.55 -11.38
CA SER D 61 24.87 -20.23 -12.73
C SER D 61 23.35 -20.11 -12.79
N LEU D 62 22.84 -19.31 -13.73
CA LEU D 62 21.40 -19.14 -13.86
C LEU D 62 20.76 -20.20 -14.76
N GLN D 63 19.81 -20.94 -14.19
CA GLN D 63 19.09 -21.99 -14.91
C GLN D 63 17.61 -21.64 -15.10
N MET D 64 17.20 -21.39 -16.33
CA MET D 64 15.81 -21.04 -16.60
C MET D 64 14.86 -22.23 -16.44
N THR D 65 13.69 -21.99 -15.86
CA THR D 65 12.70 -23.05 -15.69
C THR D 65 11.90 -23.16 -16.99
N PRO D 66 11.07 -24.22 -17.15
CA PRO D 66 10.31 -24.33 -18.38
C PRO D 66 9.55 -23.04 -18.65
N THR D 67 8.93 -22.52 -17.61
CA THR D 67 8.17 -21.27 -17.70
C THR D 67 9.12 -20.12 -18.04
N GLY D 68 10.29 -20.14 -17.40
CA GLY D 68 11.29 -19.11 -17.66
C GLY D 68 11.63 -19.01 -19.13
N ARG D 69 12.10 -20.11 -19.73
CA ARG D 69 12.46 -20.13 -21.15
C ARG D 69 11.32 -19.62 -22.01
N THR D 70 10.13 -20.14 -21.74
CA THR D 70 8.94 -19.76 -22.46
C THR D 70 8.90 -18.25 -22.62
N LEU D 71 8.88 -17.55 -21.48
CA LEU D 71 8.82 -16.10 -21.47
C LEU D 71 10.04 -15.53 -22.19
N ALA D 72 11.19 -16.15 -21.96
CA ALA D 72 12.44 -15.71 -22.56
C ALA D 72 12.41 -15.70 -24.07
N THR D 73 12.00 -16.81 -24.68
CA THR D 73 11.97 -16.89 -26.13
C THR D 73 10.91 -15.97 -26.73
N ALA D 74 9.95 -15.57 -25.91
CA ALA D 74 8.89 -14.68 -26.37
C ALA D 74 9.39 -13.25 -26.51
N VAL D 75 10.24 -12.83 -25.59
CA VAL D 75 10.79 -11.47 -25.64
C VAL D 75 11.79 -11.43 -26.80
N MET D 76 12.59 -12.50 -26.93
CA MET D 76 13.55 -12.60 -28.03
C MET D 76 12.79 -12.45 -29.34
N ARG D 77 11.75 -13.26 -29.49
CA ARG D 77 10.92 -13.26 -30.67
C ARG D 77 10.47 -11.85 -30.99
N LYS D 78 9.76 -11.25 -30.04
CA LYS D 78 9.24 -9.90 -30.22
C LYS D 78 10.32 -8.88 -30.52
N HIS D 79 11.50 -9.07 -29.93
CA HIS D 79 12.60 -8.17 -30.16
C HIS D 79 12.96 -8.13 -31.64
N ARG D 80 13.09 -9.31 -32.26
CA ARG D 80 13.42 -9.41 -33.67
C ARG D 80 12.30 -8.77 -34.49
N LEU D 81 11.09 -9.26 -34.27
CA LEU D 81 9.91 -8.77 -34.98
C LEU D 81 9.78 -7.25 -34.92
N ALA D 82 10.19 -6.66 -33.81
CA ALA D 82 10.12 -5.22 -33.68
C ALA D 82 11.23 -4.67 -34.56
N GLU D 83 12.46 -5.12 -34.30
CA GLU D 83 13.65 -4.69 -35.04
C GLU D 83 13.41 -4.71 -36.55
N ARG D 84 12.66 -5.69 -37.04
CA ARG D 84 12.37 -5.78 -38.47
C ARG D 84 11.44 -4.65 -38.88
N LEU D 85 10.29 -4.57 -38.23
CA LEU D 85 9.28 -3.53 -38.48
C LEU D 85 9.89 -2.14 -38.50
N LEU D 86 10.84 -1.90 -37.60
CA LEU D 86 11.48 -0.60 -37.52
C LEU D 86 12.39 -0.33 -38.72
N THR D 87 13.25 -1.28 -39.05
CA THR D 87 14.21 -1.12 -40.16
C THR D 87 13.59 -1.10 -41.55
N ASP D 88 12.53 -1.88 -41.76
CA ASP D 88 11.89 -1.95 -43.07
C ASP D 88 10.71 -1.00 -43.24
N ILE D 89 9.55 -1.42 -42.76
CA ILE D 89 8.34 -0.61 -42.86
C ILE D 89 8.49 0.84 -42.37
N ILE D 90 9.00 1.04 -41.16
CA ILE D 90 9.15 2.40 -40.63
C ILE D 90 10.40 3.05 -41.22
N GLY D 91 11.43 2.24 -41.41
CA GLY D 91 12.68 2.74 -41.96
C GLY D 91 13.45 3.67 -41.05
N LEU D 92 13.63 3.26 -39.80
CA LEU D 92 14.36 4.08 -38.84
C LEU D 92 15.86 3.86 -38.97
N ASP D 93 16.63 4.90 -38.67
CA ASP D 93 18.10 4.84 -38.72
C ASP D 93 18.57 3.54 -38.07
N ILE D 94 19.36 2.76 -38.81
CA ILE D 94 19.86 1.48 -38.31
C ILE D 94 20.51 1.53 -36.92
N ASN D 95 21.36 2.52 -36.71
CA ASN D 95 22.04 2.68 -35.44
C ASN D 95 21.11 3.05 -34.30
N LYS D 96 19.81 3.13 -34.57
CA LYS D 96 18.86 3.49 -33.52
C LYS D 96 17.81 2.40 -33.34
N VAL D 97 17.76 1.49 -34.30
CA VAL D 97 16.81 0.39 -34.29
C VAL D 97 16.82 -0.49 -33.04
N HIS D 98 17.84 -1.31 -32.87
CA HIS D 98 17.90 -2.20 -31.70
C HIS D 98 17.57 -1.44 -30.41
N ASP D 99 18.03 -0.19 -30.34
CA ASP D 99 17.76 0.63 -29.16
C ASP D 99 16.25 0.76 -28.94
N GLU D 100 15.51 1.02 -30.02
CA GLU D 100 14.06 1.16 -29.99
C GLU D 100 13.39 -0.16 -29.65
N ALA D 101 13.84 -1.22 -30.31
CA ALA D 101 13.29 -2.54 -30.10
C ALA D 101 13.47 -3.05 -28.68
N ASP D 102 14.48 -2.55 -27.97
CA ASP D 102 14.69 -3.01 -26.60
C ASP D 102 13.53 -2.59 -25.71
N ARG D 103 12.77 -1.60 -26.20
CA ARG D 103 11.62 -1.06 -25.50
C ARG D 103 10.34 -1.67 -26.02
N TRP D 104 10.11 -1.56 -27.33
CA TRP D 104 8.90 -2.11 -27.92
C TRP D 104 8.71 -3.58 -27.57
N GLU D 105 9.83 -4.30 -27.45
CA GLU D 105 9.81 -5.73 -27.16
C GLU D 105 8.97 -6.04 -25.93
N HIS D 106 8.94 -5.11 -25.00
CA HIS D 106 8.23 -5.32 -23.75
C HIS D 106 6.77 -4.85 -23.79
N VAL D 107 6.29 -4.40 -24.93
CA VAL D 107 4.94 -3.91 -24.94
C VAL D 107 4.15 -4.31 -26.21
N MET D 108 4.59 -5.40 -26.84
CA MET D 108 3.97 -5.91 -28.05
C MET D 108 3.25 -7.24 -27.79
N SER D 109 1.92 -7.20 -27.87
CA SER D 109 1.09 -8.39 -27.63
C SER D 109 1.28 -9.51 -28.64
N ASP D 110 0.87 -10.72 -28.25
CA ASP D 110 0.96 -11.90 -29.11
C ASP D 110 0.15 -11.61 -30.36
N GLU D 111 -1.05 -11.08 -30.16
CA GLU D 111 -1.95 -10.69 -31.25
C GLU D 111 -1.11 -10.03 -32.34
N VAL D 112 -0.58 -8.85 -32.03
CA VAL D 112 0.26 -8.13 -32.98
C VAL D 112 1.43 -8.97 -33.47
N GLU D 113 2.06 -9.70 -32.55
CA GLU D 113 3.21 -10.53 -32.92
C GLU D 113 2.89 -11.42 -34.13
N ARG D 114 1.82 -12.19 -34.02
CA ARG D 114 1.42 -13.06 -35.11
C ARG D 114 1.15 -12.19 -36.32
N ARG D 115 0.24 -11.25 -36.14
CA ARG D 115 -0.13 -10.33 -37.21
C ARG D 115 1.09 -9.85 -37.97
N LEU D 116 2.04 -9.30 -37.23
CA LEU D 116 3.28 -8.76 -37.78
C LEU D 116 4.15 -9.76 -38.57
N VAL D 117 4.20 -11.02 -38.13
CA VAL D 117 5.03 -11.99 -38.84
C VAL D 117 4.51 -12.19 -40.26
N LYS D 118 3.19 -12.13 -40.41
CA LYS D 118 2.56 -12.28 -41.71
C LYS D 118 2.83 -11.03 -42.54
N VAL D 119 2.57 -9.88 -41.92
CA VAL D 119 2.77 -8.59 -42.57
C VAL D 119 4.16 -8.44 -43.18
N LEU D 120 5.19 -8.59 -42.36
CA LEU D 120 6.55 -8.45 -42.88
C LEU D 120 6.72 -9.24 -44.17
N LYS D 121 6.90 -10.56 -44.06
CA LYS D 121 7.07 -11.40 -45.25
C LYS D 121 7.71 -10.67 -46.45
N LYS E 2 -3.95 -0.50 14.28
CA LYS E 2 -4.60 -1.45 15.24
C LYS E 2 -3.77 -2.67 15.62
N ASP E 3 -2.78 -3.04 14.80
CA ASP E 3 -1.95 -4.18 15.16
C ASP E 3 -1.10 -3.70 16.31
N LEU E 4 -0.68 -2.44 16.22
CA LEU E 4 0.11 -1.81 17.26
C LEU E 4 -0.79 -1.01 18.20
N VAL E 5 -2.09 -0.98 17.91
CA VAL E 5 -3.05 -0.22 18.72
C VAL E 5 -2.73 1.27 18.55
N ASP E 6 -1.54 1.68 18.93
CA ASP E 6 -1.13 3.06 18.72
C ASP E 6 0.25 3.02 18.06
N THR E 7 0.32 3.36 16.78
CA THR E 7 1.59 3.30 16.07
C THR E 7 2.67 4.20 16.63
N THR E 8 2.32 5.43 17.00
CA THR E 8 3.33 6.33 17.53
C THR E 8 3.89 5.89 18.87
N GLU E 9 3.01 5.53 19.81
CA GLU E 9 3.49 5.10 21.11
C GLU E 9 4.44 3.91 21.01
N MET E 10 4.17 2.97 20.10
CA MET E 10 5.02 1.79 19.98
C MET E 10 6.37 2.09 19.31
N TYR E 11 6.44 3.14 18.50
CA TYR E 11 7.72 3.48 17.88
C TYR E 11 8.61 4.07 18.95
N LEU E 12 8.06 4.99 19.76
CA LEU E 12 8.82 5.60 20.83
C LEU E 12 9.37 4.52 21.74
N ARG E 13 8.47 3.68 22.25
CA ARG E 13 8.89 2.62 23.15
C ARG E 13 9.98 1.78 22.54
N THR E 14 9.85 1.40 21.27
CA THR E 14 10.89 0.59 20.64
C THR E 14 12.21 1.37 20.65
N ILE E 15 12.18 2.63 20.28
CA ILE E 15 13.39 3.44 20.31
C ILE E 15 13.94 3.46 21.73
N TYR E 16 13.07 3.75 22.69
CA TYR E 16 13.45 3.80 24.09
C TYR E 16 14.05 2.48 24.58
N GLU E 17 13.34 1.37 24.42
CA GLU E 17 13.86 0.07 24.86
C GLU E 17 15.18 -0.22 24.17
N LEU E 18 15.29 0.17 22.91
CA LEU E 18 16.52 -0.05 22.16
C LEU E 18 17.68 0.63 22.87
N GLU E 19 17.46 1.86 23.33
CA GLU E 19 18.49 2.62 24.02
C GLU E 19 18.90 1.96 25.33
N GLU E 20 17.94 1.38 26.05
CA GLU E 20 18.26 0.71 27.32
C GLU E 20 19.22 -0.45 27.10
N GLU E 21 19.06 -1.13 25.97
CA GLU E 21 19.89 -2.28 25.63
C GLU E 21 21.24 -1.85 25.03
N GLY E 22 21.40 -0.56 24.82
CA GLY E 22 22.64 -0.07 24.27
C GLY E 22 22.80 -0.24 22.77
N VAL E 23 21.71 -0.52 22.08
CA VAL E 23 21.74 -0.69 20.62
C VAL E 23 21.43 0.66 19.95
N THR E 24 22.22 1.04 18.94
CA THR E 24 21.94 2.31 18.28
C THR E 24 20.53 2.27 17.73
N PRO E 25 19.69 3.26 18.08
CA PRO E 25 18.32 3.24 17.54
C PRO E 25 18.29 3.65 16.07
N LEU E 26 18.31 2.64 15.19
CA LEU E 26 18.26 2.85 13.74
C LEU E 26 16.89 2.46 13.23
N ARG E 27 16.44 3.12 12.17
CA ARG E 27 15.12 2.80 11.60
C ARG E 27 15.03 1.29 11.31
N ALA E 28 16.11 0.74 10.77
CA ALA E 28 16.15 -0.70 10.46
C ALA E 28 15.76 -1.52 11.69
N ARG E 29 16.17 -1.07 12.88
CA ARG E 29 15.85 -1.78 14.12
C ARG E 29 14.35 -1.83 14.39
N ILE E 30 13.67 -0.71 14.14
CA ILE E 30 12.23 -0.66 14.35
C ILE E 30 11.59 -1.66 13.41
N ALA E 31 12.04 -1.66 12.16
CA ALA E 31 11.52 -2.57 11.16
C ALA E 31 11.59 -4.00 11.69
N GLU E 32 12.78 -4.44 12.09
CA GLU E 32 12.97 -5.78 12.63
C GLU E 32 11.95 -6.04 13.72
N ARG E 33 12.00 -5.23 14.76
CA ARG E 33 11.12 -5.38 15.90
C ARG E 33 9.61 -5.29 15.69
N LEU E 34 9.12 -4.26 15.02
CA LEU E 34 7.68 -4.17 14.84
C LEU E 34 7.26 -4.90 13.58
N GLU E 35 8.22 -5.56 12.95
CA GLU E 35 7.96 -6.30 11.73
C GLU E 35 7.15 -5.47 10.71
N GLN E 36 7.74 -4.40 10.19
CA GLN E 36 7.07 -3.57 9.19
C GLN E 36 8.06 -3.31 8.04
N SER E 37 7.54 -2.94 6.88
CA SER E 37 8.38 -2.67 5.71
C SER E 37 9.34 -1.49 5.89
N GLY E 38 10.52 -1.61 5.29
CA GLY E 38 11.51 -0.57 5.37
C GLY E 38 10.94 0.81 5.08
N PRO E 39 10.22 0.95 3.96
CA PRO E 39 9.60 2.21 3.54
C PRO E 39 8.47 2.67 4.47
N THR E 40 7.87 1.75 5.22
CA THR E 40 6.78 2.10 6.14
C THR E 40 7.37 2.77 7.38
N VAL E 41 8.51 2.25 7.82
CA VAL E 41 9.18 2.80 9.00
C VAL E 41 9.69 4.21 8.71
N SER E 42 10.24 4.42 7.52
CA SER E 42 10.74 5.74 7.14
C SER E 42 9.63 6.78 7.12
N GLN E 43 8.47 6.43 6.54
CA GLN E 43 7.31 7.32 6.49
C GLN E 43 6.95 7.71 7.91
N THR E 44 6.54 6.70 8.69
CA THR E 44 6.13 6.90 10.07
C THR E 44 7.11 7.76 10.87
N VAL E 45 8.41 7.47 10.80
CA VAL E 45 9.36 8.29 11.55
C VAL E 45 9.27 9.73 11.04
N ALA E 46 9.28 9.89 9.73
CA ALA E 46 9.18 11.22 9.13
C ALA E 46 7.96 11.95 9.67
N ARG E 47 6.83 11.28 9.66
CA ARG E 47 5.61 11.87 10.16
C ARG E 47 5.88 12.25 11.61
N MET E 48 6.59 11.38 12.33
CA MET E 48 6.92 11.65 13.73
C MET E 48 7.87 12.85 13.85
N GLU E 49 8.85 12.91 12.97
CA GLU E 49 9.81 13.99 12.97
C GLU E 49 9.04 15.29 12.70
N ARG E 50 8.04 15.21 11.84
CA ARG E 50 7.21 16.36 11.47
C ARG E 50 6.53 16.96 12.70
N ASP E 51 6.07 16.10 13.60
CA ASP E 51 5.39 16.55 14.79
C ASP E 51 6.39 16.67 15.96
N GLY E 52 7.67 16.69 15.60
CA GLY E 52 8.72 16.83 16.58
C GLY E 52 8.74 15.89 17.76
N LEU E 53 8.86 14.59 17.51
CA LEU E 53 8.92 13.62 18.59
C LEU E 53 10.25 12.90 18.50
N VAL E 54 10.93 13.10 17.39
CA VAL E 54 12.22 12.47 17.16
C VAL E 54 12.93 13.25 16.06
N VAL E 55 14.21 12.99 15.91
CA VAL E 55 14.99 13.64 14.88
C VAL E 55 15.95 12.61 14.35
N VAL E 56 16.01 12.49 13.03
CA VAL E 56 16.92 11.53 12.43
C VAL E 56 18.27 12.23 12.40
N ALA E 57 19.22 11.66 13.15
CA ALA E 57 20.58 12.17 13.26
C ALA E 57 21.23 12.28 11.89
N SER E 58 22.51 12.60 11.89
CA SER E 58 23.23 12.71 10.64
C SER E 58 23.84 11.38 10.28
N ASP E 59 24.02 10.53 11.28
CA ASP E 59 24.56 9.20 11.05
C ASP E 59 23.37 8.24 10.99
N ARG E 60 22.20 8.82 10.79
CA ARG E 60 20.95 8.07 10.68
C ARG E 60 20.31 7.57 11.97
N SER E 61 20.89 7.87 13.13
CA SER E 61 20.32 7.42 14.39
C SER E 61 19.07 8.24 14.83
N LEU E 62 18.17 7.58 15.54
CA LEU E 62 16.94 8.22 15.98
C LEU E 62 17.10 8.96 17.30
N GLN E 63 17.05 10.28 17.26
CA GLN E 63 17.21 11.10 18.45
C GLN E 63 15.87 11.54 18.99
N MET E 64 15.47 10.99 20.14
CA MET E 64 14.20 11.38 20.75
C MET E 64 14.29 12.77 21.35
N THR E 65 13.33 13.64 21.02
CA THR E 65 13.27 15.00 21.53
C THR E 65 12.57 14.96 22.89
N PRO E 66 12.73 16.01 23.71
CA PRO E 66 12.13 16.12 25.04
C PRO E 66 10.69 15.62 25.07
N THR E 67 9.85 16.13 24.18
CA THR E 67 8.46 15.69 24.13
C THR E 67 8.41 14.20 23.88
N GLY E 68 9.17 13.75 22.90
CA GLY E 68 9.19 12.34 22.60
C GLY E 68 9.55 11.48 23.79
N ARG E 69 10.63 11.83 24.50
CA ARG E 69 11.08 11.03 25.63
C ARG E 69 10.06 11.05 26.76
N THR E 70 9.40 12.18 26.94
CA THR E 70 8.38 12.28 27.96
C THR E 70 7.31 11.21 27.68
N LEU E 71 6.84 11.17 26.43
CA LEU E 71 5.84 10.20 26.03
C LEU E 71 6.38 8.81 26.22
N ALA E 72 7.54 8.56 25.61
CA ALA E 72 8.18 7.25 25.70
C ALA E 72 8.07 6.67 27.11
N THR E 73 8.63 7.40 28.08
CA THR E 73 8.63 7.00 29.48
C THR E 73 7.24 6.64 29.95
N ALA E 74 6.30 7.53 29.70
CA ALA E 74 4.92 7.32 30.09
C ALA E 74 4.49 5.95 29.62
N VAL E 75 4.56 5.73 28.32
CA VAL E 75 4.18 4.47 27.73
C VAL E 75 4.89 3.35 28.47
N MET E 76 6.22 3.44 28.47
CA MET E 76 7.09 2.48 29.12
C MET E 76 6.60 2.18 30.54
N ARG E 77 6.21 3.23 31.24
CA ARG E 77 5.73 3.13 32.61
C ARG E 77 4.42 2.32 32.72
N LYS E 78 3.44 2.67 31.89
CA LYS E 78 2.16 1.98 31.89
C LYS E 78 2.33 0.51 31.46
N HIS E 79 3.34 0.23 30.65
CA HIS E 79 3.56 -1.14 30.20
C HIS E 79 3.78 -2.02 31.40
N ARG E 80 4.69 -1.59 32.27
CA ARG E 80 5.04 -2.33 33.48
C ARG E 80 3.88 -2.45 34.44
N LEU E 81 3.19 -1.34 34.68
CA LEU E 81 2.06 -1.34 35.59
C LEU E 81 1.02 -2.35 35.13
N ALA E 82 0.79 -2.39 33.81
CA ALA E 82 -0.18 -3.33 33.24
C ALA E 82 0.33 -4.75 33.49
N GLU E 83 1.57 -5.02 33.07
CA GLU E 83 2.22 -6.33 33.22
C GLU E 83 2.06 -6.89 34.62
N ARG E 84 2.21 -6.05 35.64
CA ARG E 84 2.06 -6.50 37.03
C ARG E 84 0.57 -6.77 37.29
N LEU E 85 -0.26 -5.73 37.19
CA LEU E 85 -1.70 -5.85 37.40
C LEU E 85 -2.24 -7.16 36.82
N LEU E 86 -1.76 -7.53 35.64
CA LEU E 86 -2.21 -8.76 35.00
C LEU E 86 -1.75 -10.00 35.72
N THR E 87 -0.45 -10.06 35.98
CA THR E 87 0.19 -11.20 36.63
C THR E 87 0.01 -11.29 38.15
N ASP E 88 -0.13 -10.15 38.81
CA ASP E 88 -0.27 -10.13 40.26
C ASP E 88 -1.67 -10.24 40.85
N ILE E 89 -2.62 -9.43 40.36
CA ILE E 89 -3.97 -9.52 40.91
C ILE E 89 -4.96 -10.25 40.00
N ILE E 90 -4.62 -10.42 38.73
CA ILE E 90 -5.53 -11.11 37.81
C ILE E 90 -5.04 -12.54 37.61
N GLY E 91 -3.75 -12.75 37.82
CA GLY E 91 -3.18 -14.08 37.67
C GLY E 91 -3.45 -14.69 36.30
N LEU E 92 -2.65 -14.28 35.31
CA LEU E 92 -2.78 -14.76 33.94
C LEU E 92 -1.50 -15.44 33.48
N ASP E 93 -1.63 -16.39 32.57
CA ASP E 93 -0.49 -17.12 32.03
C ASP E 93 0.70 -16.17 31.94
N ILE E 94 1.75 -16.42 32.72
CA ILE E 94 2.93 -15.56 32.71
C ILE E 94 3.48 -15.38 31.30
N ASN E 95 3.33 -16.42 30.48
CA ASN E 95 3.79 -16.41 29.09
C ASN E 95 3.05 -15.36 28.25
N LYS E 96 1.74 -15.31 28.45
CA LYS E 96 0.88 -14.42 27.70
C LYS E 96 0.68 -13.04 28.32
N VAL E 97 1.58 -12.63 29.20
CA VAL E 97 1.45 -11.34 29.86
C VAL E 97 2.03 -10.11 29.16
N HIS E 98 3.21 -10.22 28.54
CA HIS E 98 3.78 -9.05 27.88
C HIS E 98 2.86 -8.57 26.76
N ASP E 99 2.47 -9.51 25.89
CA ASP E 99 1.59 -9.19 24.76
C ASP E 99 0.37 -8.44 25.24
N GLU E 100 -0.37 -9.03 26.16
CA GLU E 100 -1.56 -8.40 26.68
C GLU E 100 -1.20 -6.98 27.13
N ALA E 101 -0.08 -6.86 27.82
CA ALA E 101 0.37 -5.56 28.29
C ALA E 101 0.72 -4.62 27.13
N ASP E 102 1.22 -5.17 26.03
CA ASP E 102 1.60 -4.38 24.86
C ASP E 102 0.42 -3.63 24.23
N ARG E 103 -0.79 -4.03 24.63
CA ARG E 103 -2.02 -3.42 24.14
C ARG E 103 -2.60 -2.48 25.18
N TRP E 104 -2.63 -2.92 26.44
CA TRP E 104 -3.16 -2.12 27.53
C TRP E 104 -2.40 -0.83 27.69
N GLU E 105 -1.10 -0.88 27.44
CA GLU E 105 -0.24 0.30 27.54
C GLU E 105 -0.78 1.49 26.73
N HIS E 106 -1.39 1.21 25.58
CA HIS E 106 -1.89 2.28 24.73
C HIS E 106 -3.28 2.79 25.07
N VAL E 107 -3.94 2.20 26.08
CA VAL E 107 -5.29 2.63 26.44
C VAL E 107 -5.44 2.92 27.94
N MET E 108 -4.34 2.96 28.67
CA MET E 108 -4.36 3.20 30.11
C MET E 108 -4.21 4.69 30.44
N SER E 109 -5.10 5.22 31.26
CA SER E 109 -5.06 6.64 31.62
C SER E 109 -4.09 6.90 32.78
N ASP E 110 -3.58 8.13 32.85
CA ASP E 110 -2.68 8.51 33.93
C ASP E 110 -3.45 8.36 35.24
N GLU E 111 -4.72 8.76 35.21
CA GLU E 111 -5.62 8.67 36.35
C GLU E 111 -5.53 7.25 36.91
N VAL E 112 -5.66 6.27 36.02
CA VAL E 112 -5.58 4.86 36.38
C VAL E 112 -4.14 4.44 36.71
N GLU E 113 -3.18 5.06 36.03
CA GLU E 113 -1.77 4.76 36.25
C GLU E 113 -1.44 5.00 37.71
N ARG E 114 -1.83 6.18 38.21
CA ARG E 114 -1.57 6.56 39.59
C ARG E 114 -2.30 5.63 40.57
N ARG E 115 -3.60 5.45 40.36
CA ARG E 115 -4.37 4.57 41.23
C ARG E 115 -3.71 3.20 41.33
N LEU E 116 -3.14 2.74 40.23
CA LEU E 116 -2.50 1.43 40.16
C LEU E 116 -1.18 1.31 40.93
N VAL E 117 -0.39 2.38 40.97
CA VAL E 117 0.88 2.34 41.68
C VAL E 117 0.62 2.21 43.18
N LYS E 118 -0.49 2.80 43.61
CA LYS E 118 -0.88 2.77 44.99
C LYS E 118 -1.48 1.41 45.35
N VAL E 119 -2.50 1.00 44.61
CA VAL E 119 -3.17 -0.27 44.86
C VAL E 119 -2.35 -1.53 44.58
N LEU E 120 -1.03 -1.43 44.56
CA LEU E 120 -0.22 -2.61 44.31
C LEU E 120 0.87 -2.69 45.38
N LYS E 121 0.46 -2.40 46.60
CA LYS E 121 1.37 -2.42 47.76
C LYS E 121 2.65 -1.70 47.39
N LYS F 2 -8.46 4.45 15.95
CA LYS F 2 -8.65 5.89 16.26
C LYS F 2 -9.31 6.14 17.64
N ASP F 3 -10.13 7.19 17.72
CA ASP F 3 -10.83 7.59 18.94
C ASP F 3 -11.65 6.43 19.46
N LEU F 4 -12.31 5.72 18.55
CA LEU F 4 -13.13 4.57 18.91
C LEU F 4 -12.32 3.29 19.21
N VAL F 5 -11.00 3.37 19.06
CA VAL F 5 -10.10 2.25 19.26
C VAL F 5 -10.42 1.18 18.21
N ASP F 6 -11.68 0.74 18.14
CA ASP F 6 -12.10 -0.24 17.13
C ASP F 6 -13.52 0.06 16.65
N THR F 7 -13.65 0.76 15.53
CA THR F 7 -14.96 1.13 15.02
C THR F 7 -15.98 0.00 14.90
N THR F 8 -15.65 -1.07 14.19
CA THR F 8 -16.58 -2.18 14.02
C THR F 8 -17.14 -2.69 15.33
N GLU F 9 -16.28 -2.78 16.33
CA GLU F 9 -16.70 -3.25 17.64
C GLU F 9 -17.67 -2.26 18.28
N MET F 10 -17.27 -0.99 18.31
CA MET F 10 -18.12 0.04 18.90
C MET F 10 -19.44 0.17 18.13
N TYR F 11 -19.45 -0.16 16.85
CA TYR F 11 -20.70 -0.07 16.08
C TYR F 11 -21.61 -1.22 16.50
N LEU F 12 -21.04 -2.42 16.53
CA LEU F 12 -21.80 -3.61 16.92
C LEU F 12 -22.41 -3.43 18.30
N ARG F 13 -21.65 -2.88 19.23
CA ARG F 13 -22.14 -2.68 20.58
C ARG F 13 -23.26 -1.65 20.61
N THR F 14 -23.10 -0.56 19.86
CA THR F 14 -24.13 0.47 19.84
C THR F 14 -25.45 -0.10 19.32
N ILE F 15 -25.36 -0.96 18.32
CA ILE F 15 -26.54 -1.59 17.75
C ILE F 15 -27.19 -2.43 18.84
N TYR F 16 -26.45 -3.41 19.33
CA TYR F 16 -26.94 -4.29 20.39
C TYR F 16 -27.57 -3.49 21.53
N GLU F 17 -26.90 -2.43 21.97
CA GLU F 17 -27.45 -1.60 23.04
C GLU F 17 -28.77 -1.00 22.59
N LEU F 18 -28.82 -0.50 21.36
CA LEU F 18 -30.06 0.06 20.88
C LEU F 18 -31.19 -1.00 20.96
N GLU F 19 -30.89 -2.22 20.51
CA GLU F 19 -31.86 -3.30 20.55
C GLU F 19 -32.31 -3.58 22.00
N GLU F 20 -31.34 -3.56 22.91
CA GLU F 20 -31.61 -3.80 24.30
C GLU F 20 -32.67 -2.84 24.84
N GLU F 21 -32.56 -1.57 24.48
CA GLU F 21 -33.54 -0.59 24.94
C GLU F 21 -34.71 -0.47 23.99
N GLY F 22 -34.87 -1.50 23.16
CA GLY F 22 -35.97 -1.55 22.22
C GLY F 22 -36.16 -0.32 21.34
N VAL F 23 -35.08 0.13 20.74
CA VAL F 23 -35.12 1.29 19.85
C VAL F 23 -34.69 0.82 18.47
N THR F 24 -35.44 1.18 17.45
CA THR F 24 -35.09 0.75 16.09
C THR F 24 -33.62 1.06 15.82
N PRO F 25 -32.82 0.02 15.54
CA PRO F 25 -31.40 0.23 15.25
C PRO F 25 -31.15 0.82 13.86
N LEU F 26 -31.09 2.15 13.79
CA LEU F 26 -30.85 2.86 12.53
C LEU F 26 -29.52 3.61 12.52
N ARG F 27 -28.96 3.75 11.32
CA ARG F 27 -27.68 4.43 11.16
C ARG F 27 -27.68 5.84 11.73
N ALA F 28 -28.78 6.56 11.53
CA ALA F 28 -28.88 7.92 12.04
C ALA F 28 -28.76 7.88 13.54
N ARG F 29 -29.10 6.71 14.11
CA ARG F 29 -29.05 6.52 15.55
C ARG F 29 -27.62 6.33 16.04
N ILE F 30 -26.85 5.58 15.26
CA ILE F 30 -25.45 5.34 15.60
C ILE F 30 -24.70 6.67 15.48
N ALA F 31 -25.01 7.43 14.43
CA ALA F 31 -24.37 8.71 14.20
C ALA F 31 -24.53 9.57 15.44
N GLU F 32 -25.76 9.63 15.94
CA GLU F 32 -26.08 10.39 17.15
C GLU F 32 -25.20 10.02 18.32
N ARG F 33 -25.18 8.73 18.64
CA ARG F 33 -24.43 8.22 19.77
C ARG F 33 -22.91 8.24 19.65
N LEU F 34 -22.38 7.79 18.54
CA LEU F 34 -20.93 7.78 18.40
C LEU F 34 -20.40 9.09 17.87
N GLU F 35 -21.27 10.10 17.83
CA GLU F 35 -20.88 11.42 17.37
C GLU F 35 -20.09 11.46 16.07
N GLN F 36 -20.60 10.80 15.02
CA GLN F 36 -19.91 10.82 13.73
C GLN F 36 -20.89 11.26 12.64
N SER F 37 -20.34 11.82 11.56
CA SER F 37 -21.15 12.29 10.44
C SER F 37 -21.96 11.18 9.79
N GLY F 38 -23.16 11.52 9.33
CA GLY F 38 -24.03 10.55 8.70
C GLY F 38 -23.45 9.77 7.54
N PRO F 39 -22.64 10.40 6.68
CA PRO F 39 -22.08 9.65 5.55
C PRO F 39 -21.07 8.64 6.07
N THR F 40 -20.31 9.04 7.09
CA THR F 40 -19.30 8.16 7.68
C THR F 40 -19.93 6.86 8.17
N VAL F 41 -21.03 7.00 8.90
CA VAL F 41 -21.73 5.86 9.46
C VAL F 41 -22.24 4.88 8.41
N SER F 42 -22.82 5.41 7.35
CA SER F 42 -23.34 4.55 6.30
C SER F 42 -22.24 3.80 5.59
N GLN F 43 -21.11 4.47 5.38
CA GLN F 43 -20.00 3.84 4.68
C GLN F 43 -19.49 2.66 5.50
N THR F 44 -19.24 2.94 6.77
CA THR F 44 -18.75 1.91 7.67
C THR F 44 -19.73 0.74 7.72
N VAL F 45 -21.00 1.02 7.98
CA VAL F 45 -21.98 -0.07 8.03
C VAL F 45 -21.88 -0.88 6.75
N ALA F 46 -21.75 -0.18 5.63
CA ALA F 46 -21.63 -0.84 4.34
C ALA F 46 -20.53 -1.87 4.43
N ARG F 47 -19.34 -1.42 4.86
CA ARG F 47 -18.17 -2.29 4.99
C ARG F 47 -18.50 -3.50 5.86
N MET F 48 -19.21 -3.26 6.96
CA MET F 48 -19.60 -4.31 7.89
C MET F 48 -20.55 -5.30 7.24
N GLU F 49 -21.43 -4.79 6.39
CA GLU F 49 -22.37 -5.64 5.69
C GLU F 49 -21.58 -6.50 4.73
N ARG F 50 -20.60 -5.88 4.08
CA ARG F 50 -19.74 -6.58 3.17
C ARG F 50 -19.00 -7.67 3.93
N ASP F 51 -18.73 -7.41 5.21
CA ASP F 51 -18.01 -8.39 6.02
C ASP F 51 -18.91 -9.40 6.73
N GLY F 52 -20.19 -9.39 6.38
CA GLY F 52 -21.14 -10.32 6.97
C GLY F 52 -21.37 -10.15 8.46
N LEU F 53 -21.52 -8.91 8.90
CA LEU F 53 -21.75 -8.64 10.31
C LEU F 53 -23.14 -8.05 10.50
N VAL F 54 -23.57 -7.26 9.52
CA VAL F 54 -24.88 -6.63 9.56
C VAL F 54 -25.55 -6.73 8.21
N VAL F 55 -26.83 -6.40 8.21
CA VAL F 55 -27.63 -6.40 7.01
C VAL F 55 -28.55 -5.21 7.18
N VAL F 56 -28.85 -4.53 6.09
CA VAL F 56 -29.73 -3.39 6.19
C VAL F 56 -31.07 -3.79 5.58
N ALA F 57 -32.08 -3.90 6.42
CA ALA F 57 -33.41 -4.31 5.99
C ALA F 57 -34.12 -3.29 5.09
N SER F 58 -35.27 -3.72 4.58
CA SER F 58 -36.11 -2.90 3.70
C SER F 58 -36.55 -1.61 4.39
N ASP F 59 -36.77 -1.68 5.69
CA ASP F 59 -37.18 -0.48 6.43
C ASP F 59 -35.94 0.28 6.87
N ARG F 60 -34.78 -0.15 6.39
CA ARG F 60 -33.50 0.51 6.68
C ARG F 60 -32.95 0.40 8.11
N SER F 61 -33.37 -0.63 8.83
CA SER F 61 -32.90 -0.85 10.20
C SER F 61 -31.77 -1.86 10.16
N LEU F 62 -30.83 -1.78 11.10
CA LEU F 62 -29.72 -2.71 11.13
C LEU F 62 -30.09 -4.07 11.73
N GLN F 63 -29.59 -5.14 11.11
CA GLN F 63 -29.86 -6.49 11.57
C GLN F 63 -28.57 -7.30 11.71
N MET F 64 -28.09 -7.44 12.94
CA MET F 64 -26.87 -8.20 13.17
C MET F 64 -27.01 -9.64 12.71
N THR F 65 -25.99 -10.16 12.04
CA THR F 65 -26.01 -11.55 11.59
C THR F 65 -25.50 -12.36 12.80
N PRO F 66 -25.64 -13.69 12.77
CA PRO F 66 -25.16 -14.50 13.91
C PRO F 66 -23.70 -14.24 14.25
N THR F 67 -22.87 -13.98 13.24
CA THR F 67 -21.46 -13.69 13.47
C THR F 67 -21.36 -12.32 14.14
N GLY F 68 -22.28 -11.44 13.75
CA GLY F 68 -22.33 -10.10 14.30
C GLY F 68 -22.75 -10.09 15.76
N ARG F 69 -23.89 -10.69 16.09
CA ARG F 69 -24.34 -10.70 17.47
C ARG F 69 -23.26 -11.32 18.36
N THR F 70 -22.54 -12.31 17.84
CA THR F 70 -21.48 -12.96 18.60
C THR F 70 -20.47 -11.91 19.06
N LEU F 71 -19.95 -11.18 18.08
CA LEU F 71 -18.98 -10.11 18.29
C LEU F 71 -19.55 -9.15 19.31
N ALA F 72 -20.76 -8.68 19.01
CA ALA F 72 -21.47 -7.73 19.83
C ALA F 72 -21.49 -8.13 21.31
N THR F 73 -21.93 -9.35 21.60
CA THR F 73 -22.01 -9.78 22.99
C THR F 73 -20.63 -9.91 23.65
N ALA F 74 -19.61 -10.28 22.89
CA ALA F 74 -18.28 -10.40 23.45
C ALA F 74 -17.77 -9.04 23.88
N VAL F 75 -18.01 -8.02 23.07
CA VAL F 75 -17.60 -6.66 23.38
C VAL F 75 -18.32 -6.22 24.65
N MET F 76 -19.64 -6.26 24.57
CA MET F 76 -20.53 -5.90 25.65
C MET F 76 -20.08 -6.61 26.94
N ARG F 77 -19.75 -7.90 26.82
CA ARG F 77 -19.33 -8.69 27.96
C ARG F 77 -18.04 -8.18 28.59
N LYS F 78 -17.07 -7.85 27.74
CA LYS F 78 -15.79 -7.34 28.22
C LYS F 78 -15.98 -5.96 28.82
N HIS F 79 -16.91 -5.19 28.26
CA HIS F 79 -17.17 -3.85 28.74
C HIS F 79 -17.58 -3.89 30.20
N ARG F 80 -18.40 -4.86 30.57
CA ARG F 80 -18.83 -4.97 31.96
C ARG F 80 -17.65 -5.37 32.84
N LEU F 81 -16.92 -6.39 32.42
CA LEU F 81 -15.77 -6.89 33.17
C LEU F 81 -14.68 -5.85 33.38
N ALA F 82 -14.64 -4.85 32.51
CA ALA F 82 -13.66 -3.78 32.63
C ALA F 82 -14.23 -2.76 33.62
N GLU F 83 -15.49 -2.42 33.42
CA GLU F 83 -16.17 -1.45 34.28
C GLU F 83 -16.08 -1.93 35.72
N ARG F 84 -16.13 -3.25 35.95
CA ARG F 84 -16.04 -3.75 37.31
C ARG F 84 -14.61 -3.70 37.84
N LEU F 85 -13.66 -4.20 37.06
CA LEU F 85 -12.25 -4.21 37.44
C LEU F 85 -11.77 -2.82 37.84
N LEU F 86 -12.19 -1.81 37.10
CA LEU F 86 -11.78 -0.44 37.39
C LEU F 86 -12.38 0.12 38.68
N THR F 87 -13.62 -0.26 38.98
CA THR F 87 -14.31 0.23 40.17
C THR F 87 -14.05 -0.57 41.44
N ASP F 88 -14.03 -1.89 41.32
CA ASP F 88 -13.82 -2.77 42.46
C ASP F 88 -12.37 -2.88 42.91
N ILE F 89 -11.49 -3.34 42.02
CA ILE F 89 -10.09 -3.52 42.37
C ILE F 89 -9.21 -2.27 42.26
N ILE F 90 -9.22 -1.61 41.11
CA ILE F 90 -8.38 -0.43 40.94
C ILE F 90 -8.96 0.71 41.76
N GLY F 91 -10.29 0.74 41.86
CA GLY F 91 -10.95 1.78 42.62
C GLY F 91 -10.86 3.17 41.99
N LEU F 92 -10.95 3.19 40.67
CA LEU F 92 -10.90 4.45 39.94
C LEU F 92 -12.20 5.22 40.14
N ASP F 93 -12.10 6.54 40.11
CA ASP F 93 -13.27 7.41 40.26
C ASP F 93 -14.45 6.87 39.44
N ILE F 94 -15.59 6.68 40.11
CA ILE F 94 -16.79 6.14 39.47
C ILE F 94 -17.25 6.82 38.16
N ASN F 95 -17.11 8.13 38.07
CA ASN F 95 -17.52 8.84 36.88
C ASN F 95 -16.65 8.46 35.69
N LYS F 96 -15.35 8.45 35.91
CA LYS F 96 -14.37 8.13 34.89
C LYS F 96 -14.36 6.65 34.49
N VAL F 97 -15.12 5.84 35.21
CA VAL F 97 -15.17 4.40 34.95
C VAL F 97 -15.64 3.91 33.59
N HIS F 98 -16.81 4.35 33.12
CA HIS F 98 -17.30 3.87 31.83
C HIS F 98 -16.37 4.31 30.70
N ASP F 99 -15.94 5.57 30.72
CA ASP F 99 -15.06 6.08 29.68
C ASP F 99 -13.81 5.24 29.51
N GLU F 100 -13.25 4.76 30.62
CA GLU F 100 -12.05 3.93 30.56
C GLU F 100 -12.41 2.58 29.95
N ALA F 101 -13.49 1.97 30.46
CA ALA F 101 -13.95 0.68 29.97
C ALA F 101 -14.33 0.70 28.49
N ASP F 102 -14.69 1.87 27.98
CA ASP F 102 -15.06 1.97 26.57
C ASP F 102 -13.85 1.67 25.67
N ARG F 103 -12.66 1.71 26.28
CA ARG F 103 -11.43 1.43 25.57
C ARG F 103 -10.91 0.04 25.86
N TRP F 104 -10.76 -0.29 27.14
CA TRP F 104 -10.25 -1.61 27.52
C TRP F 104 -11.10 -2.71 26.89
N GLU F 105 -12.37 -2.42 26.67
CA GLU F 105 -13.31 -3.38 26.08
C GLU F 105 -12.78 -3.91 24.76
N HIS F 106 -12.11 -3.05 24.02
CA HIS F 106 -11.62 -3.41 22.70
C HIS F 106 -10.24 -4.05 22.69
N VAL F 107 -9.53 -4.00 23.81
CA VAL F 107 -8.18 -4.53 23.80
C VAL F 107 -7.90 -5.61 24.85
N MET F 108 -8.95 -6.30 25.28
CA MET F 108 -8.86 -7.36 26.29
C MET F 108 -9.15 -8.73 25.67
N SER F 109 -8.19 -9.64 25.79
CA SER F 109 -8.32 -10.99 25.22
C SER F 109 -9.38 -11.81 25.94
N ASP F 110 -9.88 -12.85 25.27
CA ASP F 110 -10.87 -13.73 25.87
C ASP F 110 -10.18 -14.41 27.04
N GLU F 111 -8.93 -14.79 26.81
CA GLU F 111 -8.11 -15.44 27.82
C GLU F 111 -8.30 -14.70 29.14
N VAL F 112 -7.89 -13.44 29.16
CA VAL F 112 -8.00 -12.59 30.36
C VAL F 112 -9.45 -12.50 30.84
N GLU F 113 -10.39 -12.50 29.91
CA GLU F 113 -11.80 -12.38 30.24
C GLU F 113 -12.24 -13.39 31.28
N ARG F 114 -12.08 -14.67 30.95
CA ARG F 114 -12.45 -15.77 31.83
C ARG F 114 -11.81 -15.65 33.20
N ARG F 115 -10.50 -15.44 33.21
CA ARG F 115 -9.76 -15.29 34.45
C ARG F 115 -10.43 -14.22 35.31
N LEU F 116 -10.53 -13.02 34.75
CA LEU F 116 -11.13 -11.88 35.42
C LEU F 116 -12.55 -12.18 35.95
N VAL F 117 -13.25 -13.14 35.35
CA VAL F 117 -14.60 -13.46 35.80
C VAL F 117 -14.58 -14.27 37.08
N LYS F 118 -13.40 -14.77 37.47
CA LYS F 118 -13.24 -15.54 38.69
C LYS F 118 -12.69 -14.62 39.76
N VAL F 119 -11.56 -14.00 39.45
CA VAL F 119 -10.92 -13.06 40.36
C VAL F 119 -11.93 -12.01 40.76
N LEU F 120 -12.36 -11.23 39.77
CA LEU F 120 -13.30 -10.14 39.98
C LEU F 120 -14.46 -10.45 40.92
N LYS F 121 -14.87 -11.70 41.02
CA LYS F 121 -15.98 -12.03 41.91
C LYS F 121 -15.87 -13.41 42.57
NI NI G . -0.60 4.43 -22.15
NI NI H . -7.87 6.43 -29.45
NI NI I . 14.04 -4.27 -23.40
NI NI J . 18.73 -7.20 -31.67
NI NI K . 1.75 -1.71 22.47
NI NI L . 7.64 -6.20 29.62
NI NI M . -15.12 1.35 23.01
NI NI N . -21.15 0.79 30.81
#